data_7KPG
#
_entry.id   7KPG
#
_cell.length_a   189.160
_cell.length_b   189.160
_cell.length_c   78.400
_cell.angle_alpha   90.000
_cell.angle_beta   90.000
_cell.angle_gamma   120.000
#
_symmetry.space_group_name_H-M   'P 61 2 2'
#
loop_
_entity.id
_entity.type
_entity.pdbx_description
1 polymer 'Heavy chain of Fab 25 anti-SIRP-alpha antibody'
2 polymer 'Light chain of Fab 25 anti-SIRP-alpha antibody'
3 polymer 'Tyrosine-protein phosphatase non-receptor type substrate 1'
4 non-polymer 'SULFATE ION'
5 water water
#
loop_
_entity_poly.entity_id
_entity_poly.type
_entity_poly.pdbx_seq_one_letter_code
_entity_poly.pdbx_strand_id
1 'polypeptide(L)'
;DVQLVESGGGVVRPGESLRLSCEASGFTFSSNAMSWVRQAPGKGLEWVAGISSGSDTYYGDSVKGRLTISRDNSKNILYL
QMNSLTAEDTAVYYCARETWNHLFDYWGQGTLVTVSSASTKGPSVFPLAPGGTAALGCLVKDYFPEPVTVSWNSGALTSG
VHTFPAVLQSSGLYSLSSVVTVPSSSLGTQTYICNVNHKPSNTKVDKKVEPK
;
H
2 'polypeptide(L)'
;ELTQPPSVSVSPGQTARITCSGGSYSSYYYAWYQQKPGQAPVTLIYSDDKRPSNIPERFSGSSSGTTVTLTITGVQAEDE
ADYYCGGYDQSSYTNPFGGGTKLTVLGQPKAAPSVTLFPPSSEELQANKATLVCLISDFYPGAVTVAWKADSSPVKAGVE
TTTPSKQSNNKYAASSYLSLTPEQWKSHRSYSCQVTHEGSTVEKTVAPTECS
;
L
3 'polypeptide(L)'
;ELQVIQPDKSVLVAAGETATLRCTATSLIPVGPIQWFRGAGPGRELIYNQKEGHFPRVTTVSDLTKRNNMDFSIRIGAIT
PADAGTYYCVKFRKGSPDDVEFKSGAGTELSVRAK
;
S
#
# COMPACT_ATOMS: atom_id res chain seq x y z
N ASP A 1 -10.69 4.83 15.64
CA ASP A 1 -10.21 3.83 16.63
C ASP A 1 -10.13 2.41 16.03
N VAL A 2 -10.42 2.19 14.73
CA VAL A 2 -10.12 0.87 14.16
C VAL A 2 -8.60 0.74 14.01
N GLN A 3 -8.05 -0.36 14.53
CA GLN A 3 -6.64 -0.68 14.47
C GLN A 3 -6.45 -2.15 14.11
N LEU A 4 -5.54 -2.39 13.15
CA LEU A 4 -4.99 -3.68 12.80
C LEU A 4 -3.47 -3.64 13.02
N VAL A 5 -2.96 -4.53 13.87
CA VAL A 5 -1.57 -4.52 14.29
C VAL A 5 -0.98 -5.88 13.95
N GLU A 6 -0.05 -5.92 13.00
CA GLU A 6 0.55 -7.17 12.56
C GLU A 6 1.84 -7.47 13.35
N SER A 7 2.21 -8.77 13.34
CA SER A 7 3.36 -9.36 14.02
C SER A 7 3.85 -10.57 13.20
N GLY A 8 5.12 -10.92 13.36
CA GLY A 8 5.61 -12.24 12.99
C GLY A 8 6.43 -12.25 11.71
N GLY A 9 6.56 -11.10 11.06
CA GLY A 9 7.44 -11.00 9.91
C GLY A 9 8.89 -11.28 10.29
N GLY A 10 9.69 -11.58 9.28
CA GLY A 10 11.07 -11.83 9.46
C GLY A 10 11.65 -12.44 8.22
N VAL A 11 12.81 -13.08 8.39
CA VAL A 11 13.53 -13.68 7.31
C VAL A 11 13.57 -15.18 7.57
N VAL A 12 13.40 -15.96 6.50
CA VAL A 12 13.44 -17.41 6.50
C VAL A 12 14.06 -17.86 5.18
N ARG A 13 14.32 -19.17 5.06
CA ARG A 13 15.03 -19.77 3.92
C ARG A 13 14.02 -20.48 3.04
N PRO A 14 14.27 -20.61 1.73
CA PRO A 14 13.37 -21.40 0.88
C PRO A 14 13.04 -22.75 1.53
N GLY A 15 11.75 -23.00 1.80
CA GLY A 15 11.25 -24.28 2.30
C GLY A 15 10.84 -24.20 3.76
N GLU A 16 11.08 -23.07 4.41
CA GLU A 16 10.81 -22.89 5.82
C GLU A 16 9.42 -22.30 6.02
N SER A 17 9.01 -22.18 7.28
CA SER A 17 7.69 -21.79 7.69
C SER A 17 7.78 -20.49 8.47
N LEU A 18 6.61 -19.85 8.66
CA LEU A 18 6.52 -18.59 9.29
C LEU A 18 5.02 -18.34 9.53
N ARG A 19 4.68 -17.54 10.55
CA ARG A 19 3.31 -17.29 10.89
C ARG A 19 3.11 -15.82 11.26
N LEU A 20 2.22 -15.16 10.51
CA LEU A 20 1.89 -13.76 10.68
C LEU A 20 0.62 -13.66 11.52
N SER A 21 0.51 -12.55 12.26
CA SER A 21 -0.62 -12.25 13.07
C SER A 21 -1.09 -10.83 12.76
N CYS A 22 -2.38 -10.61 12.99
CA CYS A 22 -3.02 -9.33 12.87
C CYS A 22 -4.06 -9.27 14.00
N GLU A 23 -3.88 -8.31 14.90
CA GLU A 23 -4.69 -8.18 16.08
C GLU A 23 -5.63 -7.00 15.83
N ALA A 24 -6.94 -7.25 16.03
CA ALA A 24 -7.94 -6.30 15.68
C ALA A 24 -8.48 -5.66 16.96
N SER A 25 -8.76 -4.35 16.89
CA SER A 25 -9.41 -3.65 17.96
C SER A 25 -10.19 -2.48 17.38
N GLY A 26 -11.16 -2.02 18.16
CA GLY A 26 -12.03 -0.88 17.81
C GLY A 26 -13.19 -1.25 16.90
N PHE A 27 -13.52 -2.54 16.80
CA PHE A 27 -14.72 -3.00 16.10
C PHE A 27 -14.96 -4.45 16.51
N THR A 28 -16.14 -4.99 16.17
CA THR A 28 -16.47 -6.38 16.45
C THR A 28 -15.88 -7.25 15.33
N PHE A 29 -14.74 -7.88 15.62
CA PHE A 29 -13.93 -8.66 14.64
C PHE A 29 -14.78 -9.64 13.81
N SER A 30 -15.75 -10.29 14.46
CA SER A 30 -16.61 -11.33 13.84
C SER A 30 -17.59 -10.74 12.81
N SER A 31 -17.81 -9.42 12.83
CA SER A 31 -18.67 -8.76 11.87
C SER A 31 -18.00 -8.55 10.49
N ASN A 32 -16.74 -8.97 10.25
CA ASN A 32 -16.07 -8.66 8.97
C ASN A 32 -15.30 -9.85 8.39
N ALA A 33 -15.37 -9.97 7.06
CA ALA A 33 -14.34 -10.70 6.35
C ALA A 33 -13.03 -9.93 6.50
N MET A 34 -11.90 -10.67 6.38
CA MET A 34 -10.57 -10.10 6.50
C MET A 34 -9.70 -10.69 5.40
N SER A 35 -8.69 -9.94 4.93
CA SER A 35 -7.80 -10.42 3.86
C SER A 35 -6.32 -10.19 4.20
N TRP A 36 -5.46 -10.88 3.43
CA TRP A 36 -4.05 -10.60 3.31
C TRP A 36 -3.76 -10.11 1.89
N VAL A 37 -3.06 -8.97 1.83
CA VAL A 37 -2.56 -8.33 0.61
C VAL A 37 -1.05 -8.12 0.78
N ARG A 38 -0.29 -8.48 -0.26
CA ARG A 38 1.16 -8.45 -0.24
C ARG A 38 1.66 -7.56 -1.39
N GLN A 39 2.85 -6.96 -1.17
CA GLN A 39 3.51 -6.07 -2.12
C GLN A 39 4.99 -6.46 -2.20
N ALA A 40 5.37 -7.18 -3.25
CA ALA A 40 6.75 -7.56 -3.46
C ALA A 40 7.59 -6.31 -3.69
N PRO A 41 8.93 -6.39 -3.49
CA PRO A 41 9.83 -5.27 -3.77
C PRO A 41 9.63 -4.65 -5.16
N GLY A 42 9.27 -3.35 -5.17
CA GLY A 42 9.08 -2.56 -6.38
C GLY A 42 7.90 -3.01 -7.25
N LYS A 43 6.96 -3.78 -6.69
CA LYS A 43 5.75 -4.13 -7.41
C LYS A 43 4.56 -3.46 -6.70
N GLY A 44 3.34 -3.79 -7.13
CA GLY A 44 2.09 -3.23 -6.60
C GLY A 44 1.42 -4.18 -5.62
N LEU A 45 0.22 -3.82 -5.16
CA LEU A 45 -0.57 -4.62 -4.21
C LEU A 45 -1.09 -5.88 -4.91
N GLU A 46 -1.07 -7.01 -4.21
CA GLU A 46 -1.56 -8.28 -4.73
C GLU A 46 -2.31 -9.02 -3.61
N TRP A 47 -3.63 -9.23 -3.81
CA TRP A 47 -4.46 -9.97 -2.87
C TRP A 47 -4.05 -11.44 -2.92
N VAL A 48 -3.93 -12.09 -1.76
CA VAL A 48 -3.55 -13.51 -1.77
C VAL A 48 -4.58 -14.40 -1.05
N ALA A 49 -5.34 -13.86 -0.07
CA ALA A 49 -6.28 -14.67 0.69
C ALA A 49 -7.29 -13.82 1.47
N GLY A 50 -8.52 -14.35 1.59
CA GLY A 50 -9.60 -13.78 2.36
C GLY A 50 -10.31 -14.85 3.16
N ILE A 51 -11.08 -14.42 4.16
CA ILE A 51 -11.73 -15.34 5.06
C ILE A 51 -12.99 -14.68 5.60
N SER A 52 -14.10 -15.42 5.62
CA SER A 52 -15.40 -14.96 6.15
C SER A 52 -15.31 -14.96 7.68
N SER A 53 -16.25 -14.33 8.40
CA SER A 53 -16.23 -14.48 9.87
C SER A 53 -16.35 -15.96 10.25
N GLY A 54 -17.05 -16.74 9.42
CA GLY A 54 -17.30 -18.16 9.61
C GLY A 54 -16.19 -19.04 9.08
N SER A 55 -15.04 -18.44 8.70
CA SER A 55 -13.82 -19.19 8.29
C SER A 55 -13.98 -19.93 6.96
N ASP A 56 -14.82 -19.41 6.06
CA ASP A 56 -14.73 -19.84 4.67
C ASP A 56 -13.54 -19.10 4.08
N THR A 57 -12.73 -19.78 3.28
CA THR A 57 -11.42 -19.33 2.90
C THR A 57 -11.33 -19.20 1.38
N TYR A 58 -10.59 -18.17 0.92
CA TYR A 58 -10.34 -17.92 -0.49
C TYR A 58 -8.86 -17.56 -0.70
N TYR A 59 -8.31 -18.01 -1.82
CA TYR A 59 -6.90 -17.85 -2.17
C TYR A 59 -6.76 -17.47 -3.65
N GLY A 60 -5.77 -16.59 -3.94
CA GLY A 60 -5.13 -16.56 -5.26
C GLY A 60 -4.57 -17.95 -5.56
N ASP A 61 -4.91 -18.55 -6.70
CA ASP A 61 -4.63 -19.95 -6.92
C ASP A 61 -3.14 -20.24 -6.70
N SER A 62 -2.29 -19.29 -7.09
CA SER A 62 -0.85 -19.51 -7.19
C SER A 62 -0.18 -19.61 -5.82
N VAL A 63 -0.87 -19.21 -4.74
CA VAL A 63 -0.32 -19.36 -3.39
C VAL A 63 -0.93 -20.57 -2.66
N LYS A 64 -1.87 -21.29 -3.29
CA LYS A 64 -2.48 -22.45 -2.61
C LYS A 64 -1.37 -23.46 -2.27
N GLY A 65 -1.36 -23.95 -1.02
CA GLY A 65 -0.39 -24.96 -0.58
C GLY A 65 0.86 -24.37 0.04
N ARG A 66 1.02 -23.05 -0.04
CA ARG A 66 2.07 -22.36 0.70
C ARG A 66 1.46 -21.43 1.75
N LEU A 67 0.30 -20.82 1.45
CA LEU A 67 -0.35 -19.93 2.40
C LEU A 67 -1.67 -20.56 2.85
N THR A 68 -1.99 -20.36 4.13
CA THR A 68 -3.24 -20.74 4.72
C THR A 68 -3.71 -19.58 5.61
N ILE A 69 -4.95 -19.13 5.40
CA ILE A 69 -5.52 -18.05 6.22
C ILE A 69 -6.45 -18.69 7.28
N SER A 70 -6.48 -18.12 8.48
CA SER A 70 -7.36 -18.57 9.55
C SER A 70 -7.60 -17.40 10.50
N ARG A 71 -8.58 -17.55 11.40
CA ARG A 71 -8.98 -16.48 12.32
C ARG A 71 -9.46 -17.10 13.61
N ASP A 72 -9.40 -16.34 14.70
CA ASP A 72 -10.02 -16.75 15.93
C ASP A 72 -10.83 -15.57 16.43
N ASN A 73 -12.16 -15.71 16.36
CA ASN A 73 -13.05 -14.61 16.56
C ASN A 73 -13.09 -14.24 18.04
N SER A 74 -12.87 -15.23 18.93
CA SER A 74 -12.92 -15.01 20.38
C SER A 74 -11.64 -14.30 20.85
N LYS A 75 -10.59 -14.32 20.03
CA LYS A 75 -9.31 -13.63 20.32
C LYS A 75 -9.06 -12.43 19.40
N ASN A 76 -10.07 -11.99 18.63
CA ASN A 76 -9.94 -10.80 17.75
C ASN A 76 -8.60 -10.84 16.97
N ILE A 77 -8.32 -11.96 16.28
CA ILE A 77 -7.02 -12.16 15.65
C ILE A 77 -7.15 -12.92 14.32
N LEU A 78 -6.33 -12.50 13.33
CA LEU A 78 -6.22 -13.12 11.99
C LEU A 78 -4.80 -13.68 11.81
N TYR A 79 -4.66 -14.83 11.13
CA TYR A 79 -3.37 -15.49 10.94
C TYR A 79 -3.06 -15.76 9.47
N LEU A 80 -1.77 -15.79 9.12
CA LEU A 80 -1.32 -16.33 7.82
C LEU A 80 -0.17 -17.31 8.07
N GLN A 81 -0.52 -18.59 8.08
CA GLN A 81 0.44 -19.64 8.18
C GLN A 81 1.07 -19.78 6.81
N MET A 82 2.41 -19.85 6.79
CA MET A 82 3.18 -19.84 5.56
C MET A 82 4.15 -21.02 5.60
N ASN A 83 4.18 -21.82 4.52
CA ASN A 83 4.97 -23.04 4.44
C ASN A 83 5.60 -23.15 3.07
N SER A 84 6.65 -23.97 3.00
CA SER A 84 7.30 -24.30 1.72
C SER A 84 7.55 -23.03 0.89
N LEU A 85 7.99 -21.93 1.52
CA LEU A 85 8.05 -20.58 0.85
C LEU A 85 9.17 -20.56 -0.20
N THR A 86 8.99 -19.67 -1.18
CA THR A 86 9.91 -19.46 -2.29
C THR A 86 10.27 -17.97 -2.36
N ALA A 87 11.40 -17.66 -2.99
CA ALA A 87 11.90 -16.29 -3.15
C ALA A 87 10.77 -15.35 -3.60
N GLU A 88 9.95 -15.80 -4.55
CA GLU A 88 8.80 -15.04 -5.07
C GLU A 88 7.82 -14.61 -3.97
N ASP A 89 7.86 -15.23 -2.77
CA ASP A 89 6.89 -14.91 -1.72
C ASP A 89 7.41 -13.75 -0.86
N THR A 90 8.61 -13.27 -1.19
CA THR A 90 9.21 -12.12 -0.55
C THR A 90 8.32 -10.90 -0.79
N ALA A 91 7.90 -10.22 0.29
CA ALA A 91 6.92 -9.16 0.20
C ALA A 91 6.70 -8.58 1.58
N VAL A 92 6.18 -7.34 1.61
CA VAL A 92 5.48 -6.80 2.78
C VAL A 92 4.05 -7.36 2.70
N TYR A 93 3.60 -7.97 3.81
CA TYR A 93 2.28 -8.56 3.92
C TYR A 93 1.44 -7.64 4.79
N TYR A 94 0.31 -7.18 4.23
CA TYR A 94 -0.69 -6.37 4.94
C TYR A 94 -1.96 -7.19 5.17
N CYS A 95 -2.56 -7.03 6.36
CA CYS A 95 -3.88 -7.49 6.66
C CYS A 95 -4.84 -6.34 6.38
N ALA A 96 -6.08 -6.68 6.01
CA ALA A 96 -7.08 -5.64 5.71
C ALA A 96 -8.47 -6.11 6.12
N ARG A 97 -9.29 -5.17 6.59
CA ARG A 97 -10.66 -5.39 6.92
C ARG A 97 -11.48 -5.23 5.63
N GLU A 98 -12.45 -6.13 5.41
CA GLU A 98 -13.29 -6.08 4.22
C GLU A 98 -14.62 -5.39 4.55
N THR A 99 -15.08 -4.56 3.62
CA THR A 99 -16.39 -4.02 3.64
C THR A 99 -17.40 -5.12 3.29
N TRP A 100 -18.67 -4.74 3.32
CA TRP A 100 -19.74 -5.64 2.98
C TRP A 100 -19.55 -6.19 1.55
N ASN A 101 -18.94 -5.38 0.67
CA ASN A 101 -18.73 -5.72 -0.77
C ASN A 101 -17.26 -6.05 -1.09
N HIS A 102 -16.51 -6.50 -0.08
CA HIS A 102 -15.17 -7.11 -0.22
C HIS A 102 -14.15 -6.14 -0.84
N LEU A 103 -14.22 -4.89 -0.41
CA LEU A 103 -13.12 -3.94 -0.56
C LEU A 103 -12.47 -3.71 0.80
N PHE A 104 -11.38 -2.94 0.81
CA PHE A 104 -10.51 -2.89 1.99
C PHE A 104 -10.65 -1.51 2.62
N ASP A 105 -11.22 -1.43 3.82
CA ASP A 105 -11.44 -0.11 4.38
C ASP A 105 -10.35 0.29 5.40
N TYR A 106 -9.72 -0.70 6.03
CA TYR A 106 -8.66 -0.48 7.02
C TYR A 106 -7.51 -1.45 6.75
N TRP A 107 -6.27 -0.97 6.95
CA TRP A 107 -5.06 -1.69 6.62
C TRP A 107 -4.18 -1.80 7.88
N GLY A 108 -3.52 -2.95 8.03
CA GLY A 108 -2.41 -3.12 8.99
C GLY A 108 -1.17 -2.34 8.57
N GLN A 109 -0.20 -2.18 9.49
CA GLN A 109 0.97 -1.37 9.22
C GLN A 109 1.93 -2.07 8.24
N GLY A 110 1.73 -3.37 8.02
CA GLY A 110 2.55 -4.17 7.14
C GLY A 110 3.71 -4.80 7.90
N THR A 111 4.14 -6.01 7.49
CA THR A 111 5.24 -6.75 8.09
C THR A 111 5.98 -7.42 6.93
N LEU A 112 7.31 -7.24 6.91
CA LEU A 112 8.19 -7.66 5.82
C LEU A 112 8.54 -9.15 5.99
N VAL A 113 8.47 -9.91 4.89
CA VAL A 113 8.83 -11.29 4.86
C VAL A 113 9.84 -11.44 3.74
N THR A 114 11.04 -11.90 4.11
CA THR A 114 12.14 -12.11 3.16
C THR A 114 12.46 -13.61 3.09
N VAL A 115 12.48 -14.14 1.86
CA VAL A 115 12.83 -15.52 1.63
C VAL A 115 14.14 -15.55 0.84
N SER A 116 15.24 -15.95 1.51
CA SER A 116 16.60 -15.89 0.99
C SER A 116 17.47 -17.01 1.58
N SER A 117 18.49 -17.40 0.79
CA SER A 117 19.63 -18.24 1.20
C SER A 117 20.53 -17.49 2.18
N ALA A 118 20.55 -16.16 2.06
CA ALA A 118 21.59 -15.30 2.62
C ALA A 118 21.48 -15.23 4.13
N SER A 119 22.62 -14.87 4.74
CA SER A 119 22.81 -14.75 6.16
C SER A 119 22.53 -13.31 6.58
N THR A 120 21.95 -13.14 7.75
CA THR A 120 21.83 -11.87 8.38
C THR A 120 23.24 -11.32 8.59
N LYS A 121 23.44 -10.06 8.20
CA LYS A 121 24.69 -9.34 8.35
C LYS A 121 24.36 -7.86 8.56
N GLY A 122 25.01 -7.25 9.54
CA GLY A 122 24.90 -5.84 9.82
C GLY A 122 25.75 -5.04 8.85
N PRO A 123 25.48 -3.74 8.63
CA PRO A 123 26.24 -2.94 7.67
C PRO A 123 27.61 -2.42 8.12
N SER A 124 28.49 -2.12 7.15
CA SER A 124 29.61 -1.19 7.32
C SER A 124 29.13 0.23 7.02
N VAL A 125 29.48 1.17 7.89
CA VAL A 125 29.10 2.55 7.78
C VAL A 125 30.36 3.40 7.54
N PHE A 126 30.49 3.88 6.29
CA PHE A 126 31.60 4.71 5.85
C PHE A 126 31.12 6.15 5.69
N PRO A 127 31.97 7.14 6.02
CA PRO A 127 31.61 8.55 5.83
C PRO A 127 31.66 8.97 4.36
N LEU A 128 30.67 9.74 3.94
CA LEU A 128 30.77 10.55 2.74
C LEU A 128 31.07 11.97 3.21
N ALA A 129 32.33 12.35 3.04
CA ALA A 129 32.92 13.53 3.67
C ALA A 129 32.84 14.71 2.71
N PRO A 130 32.57 15.93 3.24
CA PRO A 130 32.55 17.14 2.41
C PRO A 130 33.94 17.58 1.94
N GLY A 131 27.65 27.02 -4.16
CA GLY A 131 28.07 28.19 -3.39
C GLY A 131 28.43 27.82 -1.97
N GLY A 132 27.64 28.35 -1.01
CA GLY A 132 27.86 28.14 0.43
C GLY A 132 27.05 26.98 0.97
N THR A 133 26.80 25.96 0.13
CA THR A 133 26.22 24.69 0.51
C THR A 133 27.30 23.60 0.42
N ALA A 134 27.34 22.74 1.43
CA ALA A 134 28.15 21.54 1.42
C ALA A 134 27.25 20.31 1.59
N ALA A 135 27.60 19.23 0.88
CA ALA A 135 26.94 17.93 1.02
C ALA A 135 27.81 17.02 1.89
N LEU A 136 27.17 16.24 2.75
CA LEU A 136 27.84 15.15 3.41
C LEU A 136 26.85 13.99 3.62
N GLY A 137 27.38 12.83 4.01
CA GLY A 137 26.58 11.63 4.19
C GLY A 137 27.32 10.44 4.79
N CYS A 138 26.58 9.36 4.88
CA CYS A 138 27.00 8.06 5.30
C CYS A 138 26.56 7.06 4.22
N LEU A 139 27.53 6.26 3.77
CA LEU A 139 27.31 5.08 2.95
C LEU A 139 27.13 3.86 3.88
N VAL A 140 26.02 3.16 3.70
CA VAL A 140 25.61 2.03 4.51
C VAL A 140 25.62 0.78 3.63
N LYS A 141 26.67 -0.02 3.78
CA LYS A 141 27.08 -0.99 2.80
C LYS A 141 26.94 -2.40 3.38
N ASP A 142 26.41 -3.31 2.56
CA ASP A 142 26.53 -4.76 2.73
C ASP A 142 25.77 -5.27 3.97
N TYR A 143 24.46 -5.00 4.04
CA TYR A 143 23.58 -5.51 5.09
C TYR A 143 22.48 -6.41 4.50
N PHE A 144 21.93 -7.28 5.35
CA PHE A 144 20.86 -8.19 5.02
C PHE A 144 20.20 -8.65 6.31
N PRO A 145 18.86 -8.78 6.31
CA PRO A 145 17.95 -8.31 5.28
C PRO A 145 17.60 -6.82 5.41
N GLU A 146 16.62 -6.38 4.63
CA GLU A 146 16.00 -5.08 4.84
C GLU A 146 15.26 -5.11 6.17
N PRO A 147 14.96 -3.96 6.80
CA PRO A 147 15.40 -2.65 6.34
C PRO A 147 16.49 -2.01 7.21
N VAL A 148 17.05 -0.87 6.77
CA VAL A 148 17.77 0.02 7.71
C VAL A 148 17.12 1.40 7.66
N THR A 149 17.16 2.08 8.80
CA THR A 149 16.76 3.48 8.91
C THR A 149 17.99 4.29 9.31
N VAL A 150 17.96 5.59 8.95
CA VAL A 150 18.99 6.56 9.24
C VAL A 150 18.32 7.83 9.75
N SER A 151 18.84 8.36 10.87
CA SER A 151 18.59 9.72 11.30
C SER A 151 19.94 10.43 11.36
N TRP A 152 19.87 11.74 11.64
CA TRP A 152 21.03 12.57 11.82
C TRP A 152 20.91 13.34 13.15
N ASN A 153 22.01 13.34 13.91
CA ASN A 153 22.10 14.06 15.18
C ASN A 153 20.90 13.71 16.05
N SER A 154 20.56 12.42 16.06
CA SER A 154 19.54 11.79 16.92
C SER A 154 18.13 12.34 16.66
N GLY A 155 17.95 13.04 15.53
CA GLY A 155 16.65 13.51 15.11
C GLY A 155 16.63 15.02 14.99
N ALA A 156 17.63 15.67 15.61
CA ALA A 156 17.81 17.14 15.57
C ALA A 156 17.82 17.66 14.12
N LEU A 157 18.58 17.01 13.23
CA LEU A 157 18.77 17.47 11.86
C LEU A 157 17.90 16.64 10.91
N THR A 158 16.81 17.24 10.40
CA THR A 158 15.92 16.60 9.39
C THR A 158 15.87 17.41 8.09
N SER A 159 16.08 18.72 8.19
CA SER A 159 16.06 19.60 7.04
C SER A 159 17.28 19.32 6.15
N GLY A 160 17.03 19.06 4.87
CA GLY A 160 18.07 18.82 3.86
C GLY A 160 18.47 17.35 3.73
N VAL A 161 17.79 16.43 4.44
CA VAL A 161 18.17 15.03 4.46
C VAL A 161 17.52 14.31 3.28
N HIS A 162 18.31 13.48 2.59
CA HIS A 162 17.82 12.50 1.65
C HIS A 162 18.41 11.12 1.94
N THR A 163 17.55 10.20 2.36
CA THR A 163 17.92 8.82 2.57
C THR A 163 17.40 7.99 1.40
N PHE A 164 18.34 7.54 0.56
CA PHE A 164 18.00 6.88 -0.68
C PHE A 164 17.42 5.50 -0.41
N PRO A 165 16.48 5.04 -1.25
CA PRO A 165 16.03 3.65 -1.19
C PRO A 165 17.24 2.74 -1.46
N ALA A 166 17.28 1.60 -0.79
CA ALA A 166 18.31 0.61 -0.92
C ALA A 166 18.31 -0.02 -2.31
N VAL A 167 19.52 -0.42 -2.74
CA VAL A 167 19.70 -1.25 -3.91
C VAL A 167 20.25 -2.61 -3.48
N LEU A 168 19.79 -3.64 -4.20
CA LEU A 168 20.24 -5.00 -4.05
C LEU A 168 21.48 -5.20 -4.93
N GLN A 169 22.63 -5.45 -4.29
CA GLN A 169 23.89 -5.71 -4.95
C GLN A 169 23.88 -7.13 -5.53
N SER A 170 24.88 -7.39 -6.39
CA SER A 170 25.10 -8.69 -7.03
C SER A 170 25.28 -9.78 -5.99
N SER A 171 26.14 -9.50 -5.00
CA SER A 171 26.41 -10.31 -3.78
C SER A 171 25.12 -10.81 -3.09
N GLY A 172 24.02 -10.07 -3.22
CA GLY A 172 22.74 -10.41 -2.57
C GLY A 172 22.53 -9.65 -1.27
N LEU A 173 23.46 -8.74 -0.95
CA LEU A 173 23.37 -7.86 0.19
C LEU A 173 22.85 -6.51 -0.29
N TYR A 174 22.28 -5.72 0.63
CA TYR A 174 21.75 -4.41 0.34
C TYR A 174 22.78 -3.33 0.68
N SER A 175 22.51 -2.12 0.17
CA SER A 175 23.35 -0.97 0.39
C SER A 175 22.52 0.31 0.18
N LEU A 176 22.68 1.32 1.06
CA LEU A 176 22.11 2.65 0.77
C LEU A 176 23.04 3.74 1.27
N SER A 177 22.72 4.98 0.87
CA SER A 177 23.36 6.19 1.36
C SER A 177 22.29 7.12 1.93
N SER A 178 22.69 7.90 2.94
CA SER A 178 21.96 9.06 3.43
C SER A 178 22.87 10.29 3.31
N VAL A 179 22.31 11.40 2.79
CA VAL A 179 23.05 12.65 2.60
C VAL A 179 22.26 13.80 3.22
N VAL A 180 22.98 14.89 3.50
CA VAL A 180 22.39 16.13 4.00
C VAL A 180 23.27 17.29 3.50
N THR A 181 22.60 18.32 2.97
CA THR A 181 23.22 19.57 2.59
C THR A 181 23.16 20.50 3.79
N VAL A 182 24.26 21.22 4.01
CA VAL A 182 24.38 22.11 5.16
C VAL A 182 25.15 23.36 4.74
N PRO A 183 25.12 24.43 5.57
CA PRO A 183 25.96 25.59 5.32
C PRO A 183 27.44 25.19 5.42
N SER A 184 28.22 25.53 4.40
CA SER A 184 29.69 25.47 4.44
C SER A 184 30.24 26.13 5.72
N SER A 185 29.60 27.24 6.13
CA SER A 185 30.01 28.00 7.32
C SER A 185 30.05 27.11 8.57
N SER A 186 29.16 26.12 8.67
CA SER A 186 28.99 25.31 9.88
C SER A 186 29.98 24.12 9.96
N LEU A 187 30.79 23.90 8.92
CA LEU A 187 31.60 22.68 8.80
C LEU A 187 32.68 22.60 9.88
N GLY A 188 33.05 23.74 10.47
CA GLY A 188 34.02 23.78 11.58
C GLY A 188 33.37 23.63 12.95
N THR A 189 32.21 24.28 13.11
CA THR A 189 31.63 24.56 14.43
C THR A 189 30.48 23.60 14.77
N GLN A 190 30.05 22.77 13.80
CA GLN A 190 28.94 21.84 14.02
C GLN A 190 29.37 20.41 13.66
N THR A 191 28.99 19.47 14.53
CA THR A 191 29.29 18.06 14.35
C THR A 191 28.07 17.36 13.72
N TYR A 192 28.35 16.58 12.68
CA TYR A 192 27.36 15.78 11.97
C TYR A 192 27.65 14.27 12.18
N ILE A 193 26.71 13.63 12.86
CA ILE A 193 26.72 12.22 13.19
C ILE A 193 25.51 11.59 12.49
N CYS A 194 25.71 10.44 11.83
CA CYS A 194 24.56 9.72 11.32
C CYS A 194 24.30 8.48 12.18
N ASN A 195 23.02 8.27 12.51
CA ASN A 195 22.61 7.18 13.36
C ASN A 195 21.94 6.13 12.50
N VAL A 196 22.65 5.00 12.30
CA VAL A 196 22.22 3.89 11.49
C VAL A 196 21.69 2.75 12.38
N ASN A 197 20.49 2.30 12.07
CA ASN A 197 19.80 1.29 12.81
C ASN A 197 19.48 0.13 11.85
N HIS A 198 19.97 -1.08 12.16
CA HIS A 198 19.63 -2.30 11.42
C HIS A 198 19.13 -3.32 12.43
N LYS A 199 17.85 -3.17 12.80
CA LYS A 199 17.25 -3.96 13.86
C LYS A 199 17.43 -5.45 13.60
N PRO A 200 17.29 -5.96 12.36
CA PRO A 200 17.44 -7.39 12.10
C PRO A 200 18.80 -8.01 12.47
N SER A 201 19.87 -7.21 12.56
CA SER A 201 21.20 -7.70 13.01
C SER A 201 21.56 -7.13 14.40
N ASN A 202 20.60 -6.51 15.08
CA ASN A 202 20.85 -5.90 16.39
C ASN A 202 21.95 -4.81 16.31
N THR A 203 22.08 -4.16 15.14
CA THR A 203 23.12 -3.16 14.92
C THR A 203 22.55 -1.74 15.07
N LYS A 204 23.21 -0.93 15.90
CA LYS A 204 23.15 0.52 15.92
C LYS A 204 24.57 1.05 15.77
N VAL A 205 24.80 1.97 14.83
CA VAL A 205 26.10 2.63 14.62
C VAL A 205 25.90 4.15 14.54
N ASP A 206 26.73 4.90 15.26
CA ASP A 206 26.78 6.33 15.19
C ASP A 206 28.13 6.71 14.54
N LYS A 207 28.08 7.36 13.38
CA LYS A 207 29.30 7.72 12.68
C LYS A 207 29.41 9.25 12.59
N LYS A 208 30.56 9.75 13.07
CA LYS A 208 30.96 11.14 12.91
C LYS A 208 31.54 11.32 11.50
N VAL A 209 30.95 12.25 10.76
CA VAL A 209 31.42 12.60 9.43
C VAL A 209 32.09 13.97 9.54
N GLU A 210 33.33 14.06 9.04
CA GLU A 210 34.04 15.31 9.14
C GLU A 210 34.93 15.52 7.92
N PRO A 211 35.28 16.78 7.61
CA PRO A 211 36.02 17.16 6.40
C PRO A 211 37.29 16.39 6.01
N LYS A 212 38.06 15.96 7.01
CA LYS A 212 39.38 15.31 6.82
C LYS A 212 40.28 16.21 5.94
N GLU B 1 -7.66 -8.61 -15.60
CA GLU B 1 -6.61 -7.73 -15.01
C GLU B 1 -7.09 -6.29 -15.16
N LEU B 2 -6.75 -5.45 -14.18
CA LEU B 2 -6.99 -4.04 -14.22
C LEU B 2 -5.73 -3.30 -14.67
N THR B 3 -5.89 -2.31 -15.55
CA THR B 3 -4.75 -1.54 -16.15
C THR B 3 -4.93 -0.04 -15.94
N GLN B 4 -3.88 0.60 -15.40
CA GLN B 4 -3.87 2.03 -15.23
C GLN B 4 -2.53 2.57 -15.72
N PRO B 5 -2.48 3.83 -16.19
CA PRO B 5 -1.19 4.40 -16.63
C PRO B 5 -0.15 4.40 -15.52
N PRO B 6 1.15 4.20 -15.85
CA PRO B 6 2.21 4.28 -14.85
C PRO B 6 2.28 5.66 -14.20
N SER B 7 1.92 6.71 -14.95
CA SER B 7 2.05 8.05 -14.43
C SER B 7 1.02 9.01 -15.03
N VAL B 8 0.81 10.07 -14.26
CA VAL B 8 0.00 11.19 -14.59
C VAL B 8 0.64 12.43 -13.93
N SER B 9 0.46 13.61 -14.55
CA SER B 9 1.05 14.82 -14.01
C SER B 9 0.02 15.95 -14.02
N VAL B 10 0.24 16.92 -13.12
CA VAL B 10 -0.71 17.99 -12.93
C VAL B 10 0.00 19.19 -12.28
N SER B 11 -0.42 20.40 -12.68
CA SER B 11 0.00 21.64 -12.04
C SER B 11 -0.77 21.80 -10.72
N PRO B 12 -0.18 22.39 -9.65
CA PRO B 12 -0.89 22.52 -8.38
C PRO B 12 -2.18 23.32 -8.61
N GLY B 13 -3.24 23.01 -7.84
CA GLY B 13 -4.56 23.63 -7.95
C GLY B 13 -5.44 23.04 -9.05
N GLN B 14 -4.87 22.26 -9.98
CA GLN B 14 -5.66 21.76 -11.12
C GLN B 14 -6.29 20.41 -10.77
N THR B 15 -7.08 19.88 -11.71
CA THR B 15 -7.88 18.68 -11.56
C THR B 15 -7.24 17.55 -12.38
N ALA B 16 -6.95 16.41 -11.72
CA ALA B 16 -6.34 15.24 -12.34
C ALA B 16 -7.34 14.08 -12.32
N ARG B 17 -7.29 13.25 -13.37
CA ARG B 17 -8.09 12.05 -13.50
C ARG B 17 -7.13 10.86 -13.69
N ILE B 18 -7.46 9.77 -13.01
CA ILE B 18 -6.71 8.51 -13.13
C ILE B 18 -7.72 7.40 -13.32
N THR B 19 -7.63 6.66 -14.43
CA THR B 19 -8.61 5.66 -14.70
C THR B 19 -7.95 4.29 -14.92
N CYS B 20 -8.61 3.28 -14.32
CA CYS B 20 -8.40 1.86 -14.51
C CYS B 20 -9.39 1.32 -15.53
N SER B 21 -8.90 0.48 -16.44
CA SER B 21 -9.74 -0.26 -17.33
C SER B 21 -9.57 -1.75 -17.04
N GLY B 22 -10.47 -2.54 -17.64
CA GLY B 22 -10.44 -4.02 -17.59
C GLY B 22 -11.47 -4.59 -16.62
N GLY B 23 -12.30 -3.75 -16.02
CA GLY B 23 -13.43 -4.18 -15.21
C GLY B 23 -14.74 -4.20 -15.99
N SER B 24 -15.86 -4.14 -15.27
CA SER B 24 -17.18 -4.21 -15.87
C SER B 24 -18.20 -3.72 -14.84
N TYR B 25 -18.84 -2.58 -15.13
CA TYR B 25 -19.59 -1.79 -14.16
C TYR B 25 -20.59 -2.65 -13.35
N SER B 26 -21.17 -3.67 -13.99
CA SER B 26 -22.27 -4.43 -13.39
C SER B 26 -21.76 -5.61 -12.55
N SER B 27 -20.50 -6.02 -12.73
CA SER B 27 -19.99 -7.19 -12.00
C SER B 27 -18.81 -6.82 -11.07
N TYR B 28 -18.53 -5.53 -10.88
CA TYR B 28 -17.43 -5.04 -10.01
C TYR B 28 -17.94 -3.95 -9.06
N TYR B 29 -17.36 -3.91 -7.86
CA TYR B 29 -17.20 -2.71 -7.06
C TYR B 29 -15.72 -2.28 -7.09
N TYR B 30 -15.45 -0.97 -6.98
CA TYR B 30 -14.08 -0.42 -7.09
C TYR B 30 -13.74 0.40 -5.85
N ALA B 31 -12.43 0.45 -5.55
CA ALA B 31 -11.91 1.31 -4.51
C ALA B 31 -10.58 1.91 -4.97
N TRP B 32 -10.17 2.99 -4.31
CA TRP B 32 -8.91 3.64 -4.57
C TRP B 32 -8.09 3.79 -3.29
N TYR B 33 -6.77 3.56 -3.42
CA TYR B 33 -5.81 3.49 -2.33
C TYR B 33 -4.57 4.35 -2.67
N GLN B 34 -4.16 5.17 -1.70
CA GLN B 34 -2.98 6.04 -1.79
C GLN B 34 -1.84 5.42 -0.98
N GLN B 35 -0.67 5.32 -1.61
CA GLN B 35 0.57 4.85 -0.96
C GLN B 35 1.71 5.80 -1.31
N LYS B 36 2.45 6.27 -0.30
CA LYS B 36 3.77 6.99 -0.50
C LYS B 36 4.89 6.05 -0.96
N PRO B 37 5.49 5.11 -0.16
CA PRO B 37 6.67 4.31 -0.58
C PRO B 37 6.66 2.76 -0.57
N GLY B 38 6.80 2.14 0.61
CA GLY B 38 6.53 0.72 0.90
C GLY B 38 5.76 0.61 2.22
N GLN B 39 4.84 1.58 2.43
CA GLN B 39 4.12 1.90 3.67
C GLN B 39 2.66 1.50 3.50
N ALA B 40 1.85 1.52 4.58
CA ALA B 40 0.45 1.05 4.51
C ALA B 40 -0.37 1.93 3.56
N PRO B 41 -1.12 1.37 2.60
CA PRO B 41 -2.05 2.16 1.80
C PRO B 41 -3.17 2.76 2.66
N VAL B 42 -3.74 3.85 2.14
CA VAL B 42 -4.83 4.58 2.75
C VAL B 42 -6.02 4.55 1.77
N THR B 43 -7.19 4.15 2.27
CA THR B 43 -8.35 4.04 1.42
C THR B 43 -8.95 5.42 1.18
N LEU B 44 -9.05 5.81 -0.09
CA LEU B 44 -9.63 7.09 -0.47
C LEU B 44 -11.12 6.94 -0.83
N ILE B 45 -11.44 5.87 -1.55
CA ILE B 45 -12.75 5.67 -2.13
C ILE B 45 -13.07 4.18 -2.06
N TYR B 46 -14.30 3.86 -1.65
CA TYR B 46 -14.82 2.49 -1.66
C TYR B 46 -16.22 2.53 -2.33
N SER B 47 -16.73 1.37 -2.75
CA SER B 47 -18.05 1.24 -3.45
C SER B 47 -18.19 2.26 -4.59
N ASP B 48 -17.09 2.46 -5.35
CA ASP B 48 -17.05 3.29 -6.58
C ASP B 48 -16.85 4.79 -6.26
N ASP B 49 -17.62 5.33 -5.31
CA ASP B 49 -17.79 6.80 -5.21
C ASP B 49 -18.05 7.25 -3.76
N LYS B 50 -17.76 6.42 -2.76
CA LYS B 50 -17.99 6.76 -1.36
C LYS B 50 -16.64 7.09 -0.71
N ARG B 51 -16.65 8.14 0.13
CA ARG B 51 -15.49 8.74 0.70
C ARG B 51 -15.57 8.59 2.21
N PRO B 52 -14.59 7.92 2.86
CA PRO B 52 -14.54 7.91 4.31
C PRO B 52 -14.41 9.37 4.77
N SER B 53 -14.98 9.66 5.94
CA SER B 53 -15.09 10.99 6.53
C SER B 53 -13.71 11.64 6.69
N ASN B 54 -12.68 10.85 7.06
CA ASN B 54 -11.30 11.37 7.24
C ASN B 54 -10.61 11.76 5.91
N ILE B 55 -11.23 11.50 4.76
CA ILE B 55 -10.56 11.77 3.47
C ILE B 55 -11.00 13.12 2.93
N PRO B 56 -10.06 13.97 2.46
CA PRO B 56 -10.42 15.28 1.95
C PRO B 56 -11.44 15.23 0.80
N GLU B 57 -12.32 16.24 0.78
CA GLU B 57 -13.40 16.46 -0.22
C GLU B 57 -12.86 16.57 -1.65
N ARG B 58 -11.57 16.85 -1.84
CA ARG B 58 -10.99 16.99 -3.20
C ARG B 58 -10.89 15.64 -3.95
N PHE B 59 -10.93 14.49 -3.25
CA PHE B 59 -10.90 13.17 -3.89
C PHE B 59 -12.33 12.64 -4.13
N SER B 60 -12.62 12.21 -5.37
CA SER B 60 -13.88 11.60 -5.70
C SER B 60 -13.64 10.45 -6.67
N GLY B 61 -14.61 9.54 -6.78
CA GLY B 61 -14.52 8.43 -7.73
C GLY B 61 -15.82 8.24 -8.49
N SER B 62 -15.71 7.56 -9.62
CA SER B 62 -16.83 7.20 -10.45
C SER B 62 -16.44 5.93 -11.22
N SER B 63 -17.40 5.41 -11.98
CA SER B 63 -17.21 4.17 -12.65
C SER B 63 -18.28 4.03 -13.72
N SER B 64 -17.93 3.47 -14.89
CA SER B 64 -18.89 3.02 -15.92
C SER B 64 -18.18 2.32 -17.07
N GLY B 65 -18.96 1.60 -17.88
CA GLY B 65 -18.38 0.73 -18.91
C GLY B 65 -17.37 -0.20 -18.27
N THR B 66 -16.14 -0.22 -18.81
CA THR B 66 -15.09 -1.13 -18.35
C THR B 66 -14.09 -0.41 -17.45
N THR B 67 -14.52 0.70 -16.86
CA THR B 67 -13.64 1.75 -16.43
C THR B 67 -14.02 2.14 -15.00
N VAL B 68 -13.03 2.63 -14.25
CA VAL B 68 -13.19 3.29 -12.94
C VAL B 68 -12.23 4.49 -12.91
N THR B 69 -12.65 5.60 -12.29
CA THR B 69 -11.86 6.85 -12.32
C THR B 69 -11.83 7.50 -10.94
N LEU B 70 -10.62 7.86 -10.51
CA LEU B 70 -10.34 8.71 -9.35
C LEU B 70 -10.06 10.13 -9.86
N THR B 71 -10.77 11.10 -9.28
CA THR B 71 -10.58 12.46 -9.61
C THR B 71 -10.07 13.18 -8.36
N ILE B 72 -9.04 14.03 -8.55
CA ILE B 72 -8.48 14.86 -7.50
C ILE B 72 -8.64 16.31 -7.92
N THR B 73 -9.43 17.07 -7.16
CA THR B 73 -9.93 18.41 -7.57
C THR B 73 -9.26 19.50 -6.72
N GLY B 74 -8.10 20.00 -7.20
CA GLY B 74 -7.23 20.92 -6.46
C GLY B 74 -5.94 20.26 -5.99
N VAL B 75 -5.21 19.64 -6.94
CA VAL B 75 -3.98 18.90 -6.67
C VAL B 75 -3.03 19.73 -5.79
N GLN B 76 -2.53 19.11 -4.72
CA GLN B 76 -1.54 19.73 -3.84
C GLN B 76 -0.26 18.89 -3.94
N ALA B 77 0.87 19.52 -3.61
CA ALA B 77 2.18 18.90 -3.67
C ALA B 77 2.25 17.63 -2.80
N GLU B 78 1.50 17.62 -1.69
CA GLU B 78 1.47 16.48 -0.73
C GLU B 78 0.65 15.29 -1.29
N ASP B 79 -0.03 15.46 -2.43
CA ASP B 79 -0.79 14.38 -3.07
C ASP B 79 0.13 13.55 -3.97
N GLU B 80 1.41 13.98 -4.08
CA GLU B 80 2.48 13.18 -4.71
C GLU B 80 2.54 11.82 -4.03
N ALA B 81 2.28 10.76 -4.79
CA ALA B 81 1.98 9.43 -4.28
C ALA B 81 1.70 8.51 -5.46
N ASP B 82 1.50 7.25 -5.11
CA ASP B 82 1.08 6.23 -6.04
C ASP B 82 -0.38 5.89 -5.71
N TYR B 83 -1.21 5.79 -6.75
CA TYR B 83 -2.64 5.62 -6.60
C TYR B 83 -3.05 4.27 -7.20
N TYR B 84 -3.54 3.35 -6.35
CA TYR B 84 -3.98 2.05 -6.83
C TYR B 84 -5.50 1.96 -6.93
N CYS B 85 -5.97 1.40 -8.06
CA CYS B 85 -7.35 0.97 -8.16
C CYS B 85 -7.41 -0.49 -7.71
N GLY B 86 -8.44 -0.79 -6.93
CA GLY B 86 -8.69 -2.13 -6.46
C GLY B 86 -10.13 -2.48 -6.70
N GLY B 87 -10.34 -3.57 -7.43
CA GLY B 87 -11.65 -4.05 -7.69
C GLY B 87 -11.97 -5.28 -6.87
N TYR B 88 -13.27 -5.46 -6.60
CA TYR B 88 -13.85 -6.77 -6.25
C TYR B 88 -14.67 -7.24 -7.45
N ASP B 89 -14.25 -8.35 -8.04
CA ASP B 89 -14.92 -8.94 -9.18
C ASP B 89 -15.89 -10.02 -8.68
N GLN B 90 -17.19 -9.74 -8.75
CA GLN B 90 -18.21 -10.56 -8.11
C GLN B 90 -18.40 -11.85 -8.91
N SER B 91 -18.07 -11.82 -10.20
CA SER B 91 -18.20 -13.00 -11.04
C SER B 91 -17.23 -14.12 -10.61
N SER B 92 -16.01 -13.76 -10.17
CA SER B 92 -14.95 -14.74 -9.87
C SER B 92 -14.53 -14.76 -8.39
N TYR B 93 -15.11 -13.90 -7.54
CA TYR B 93 -14.80 -13.79 -6.09
C TYR B 93 -13.34 -13.40 -5.85
N THR B 94 -12.82 -12.49 -6.70
CA THR B 94 -11.40 -12.10 -6.68
C THR B 94 -11.26 -10.59 -6.41
N ASN B 95 -10.01 -10.18 -6.15
CA ASN B 95 -9.64 -8.80 -5.82
C ASN B 95 -8.45 -8.33 -6.65
N PRO B 96 -8.64 -8.02 -7.95
CA PRO B 96 -7.56 -7.48 -8.76
C PRO B 96 -7.23 -6.02 -8.38
N PHE B 97 -5.94 -5.71 -8.45
CA PHE B 97 -5.40 -4.34 -8.35
C PHE B 97 -4.76 -3.94 -9.70
N GLY B 98 -4.83 -2.65 -10.03
CA GLY B 98 -3.90 -2.11 -11.04
C GLY B 98 -2.46 -2.05 -10.51
N GLY B 99 -1.51 -1.82 -11.43
CA GLY B 99 -0.05 -1.62 -11.17
C GLY B 99 0.22 -0.32 -10.39
N GLY B 100 -0.77 0.58 -10.29
CA GLY B 100 -0.57 1.86 -9.62
C GLY B 100 -0.18 2.96 -10.61
N THR B 101 -0.63 4.19 -10.34
CA THR B 101 -0.31 5.38 -11.13
C THR B 101 0.37 6.38 -10.20
N LYS B 102 1.60 6.80 -10.52
CA LYS B 102 2.27 7.86 -9.75
C LYS B 102 1.74 9.20 -10.25
N LEU B 103 1.30 10.04 -9.31
CA LEU B 103 0.96 11.43 -9.60
C LEU B 103 2.20 12.31 -9.43
N THR B 104 2.75 12.81 -10.54
CA THR B 104 3.86 13.77 -10.54
C THR B 104 3.31 15.19 -10.53
N VAL B 105 3.61 16.01 -9.51
CA VAL B 105 3.14 17.38 -9.69
C VAL B 105 4.24 18.19 -10.38
N LEU B 106 3.81 18.97 -11.37
CA LEU B 106 4.65 19.78 -12.24
C LEU B 106 5.16 20.99 -11.47
N GLY B 107 4.34 21.44 -10.51
CA GLY B 107 4.56 22.66 -9.74
C GLY B 107 5.85 23.35 -10.17
N GLN B 108 6.92 22.56 -10.21
CA GLN B 108 8.26 23.02 -10.33
C GLN B 108 8.53 23.36 -11.81
N PRO B 109 9.28 24.45 -12.12
CA PRO B 109 9.97 24.58 -13.39
C PRO B 109 11.18 23.64 -13.38
N LYS B 110 11.87 23.48 -14.52
CA LYS B 110 13.15 22.83 -14.55
C LYS B 110 13.97 23.39 -13.38
N ALA B 111 14.61 22.51 -12.60
CA ALA B 111 15.62 22.91 -11.62
C ALA B 111 16.85 22.04 -11.85
N ALA B 112 17.96 22.68 -12.20
CA ALA B 112 19.24 21.99 -12.38
C ALA B 112 19.64 21.26 -11.10
N PRO B 113 20.26 20.06 -11.22
CA PRO B 113 20.86 19.43 -10.05
C PRO B 113 22.13 20.13 -9.55
N SER B 114 22.23 20.33 -8.23
CA SER B 114 23.52 20.48 -7.57
C SER B 114 24.23 19.11 -7.62
N VAL B 115 25.43 19.04 -8.20
CA VAL B 115 26.16 17.80 -8.28
C VAL B 115 27.34 17.82 -7.29
N THR B 116 27.52 16.74 -6.51
CA THR B 116 28.60 16.62 -5.52
C THR B 116 29.26 15.23 -5.75
N LEU B 117 30.58 15.15 -5.47
CA LEU B 117 31.38 13.90 -5.56
C LEU B 117 32.03 13.61 -4.21
N PHE B 118 32.07 12.31 -3.88
CA PHE B 118 32.63 11.78 -2.65
C PHE B 118 33.58 10.64 -2.95
N PRO B 119 34.87 10.70 -2.57
CA PRO B 119 35.77 9.58 -2.83
C PRO B 119 35.58 8.52 -1.73
N PRO B 120 36.03 7.26 -1.94
CA PRO B 120 36.02 6.25 -0.89
C PRO B 120 36.74 6.72 0.38
N SER B 121 36.26 6.29 1.54
CA SER B 121 36.92 6.49 2.82
C SER B 121 38.18 5.60 2.89
N SER B 122 39.18 6.04 3.67
CA SER B 122 40.40 5.23 4.01
C SER B 122 39.97 3.95 4.74
N GLU B 123 39.02 4.13 5.67
CA GLU B 123 38.33 3.08 6.40
C GLU B 123 37.88 1.98 5.42
N GLU B 124 37.11 2.35 4.38
CA GLU B 124 36.55 1.35 3.45
C GLU B 124 37.71 0.65 2.71
N LEU B 125 38.79 1.40 2.47
CA LEU B 125 39.86 0.92 1.62
C LEU B 125 40.61 -0.23 2.29
N GLN B 126 40.76 -0.19 3.62
CA GLN B 126 41.35 -1.33 4.34
C GLN B 126 40.56 -2.60 4.00
N ALA B 127 39.23 -2.49 3.97
CA ALA B 127 38.32 -3.64 3.86
C ALA B 127 38.44 -4.32 2.50
N ASN B 128 39.00 -3.63 1.49
CA ASN B 128 39.35 -4.25 0.19
C ASN B 128 38.40 -3.85 -0.96
N LYS B 129 37.63 -2.76 -0.80
CA LYS B 129 36.69 -2.27 -1.82
C LYS B 129 36.67 -0.75 -1.79
N ALA B 130 36.50 -0.16 -2.95
CA ALA B 130 36.33 1.28 -3.07
C ALA B 130 34.94 1.58 -3.66
N THR B 131 34.20 2.36 -2.88
CA THR B 131 32.94 2.89 -3.32
C THR B 131 33.11 4.38 -3.64
N LEU B 132 32.70 4.77 -4.86
CA LEU B 132 32.67 6.16 -5.27
C LEU B 132 31.22 6.62 -5.49
N VAL B 133 30.83 7.77 -4.89
CA VAL B 133 29.43 8.22 -4.90
C VAL B 133 29.29 9.63 -5.53
N CYS B 134 28.36 9.73 -6.48
CA CYS B 134 27.96 10.99 -7.15
C CYS B 134 26.53 11.36 -6.72
N LEU B 135 26.36 12.54 -6.12
CA LEU B 135 25.06 13.01 -5.63
C LEU B 135 24.52 14.11 -6.57
N ILE B 136 23.30 13.91 -7.05
CA ILE B 136 22.53 14.89 -7.79
C ILE B 136 21.38 15.34 -6.87
N SER B 137 21.43 16.57 -6.33
CA SER B 137 20.49 17.02 -5.28
C SER B 137 19.50 18.04 -5.88
N ASP B 138 18.21 17.81 -5.58
CA ASP B 138 17.15 18.82 -5.64
C ASP B 138 16.98 19.37 -7.06
N PHE B 139 16.72 18.46 -8.00
CA PHE B 139 16.48 18.73 -9.38
C PHE B 139 15.05 18.33 -9.82
N TYR B 140 14.67 18.83 -11.00
CA TYR B 140 13.34 18.57 -11.62
C TYR B 140 13.45 18.86 -13.12
N PRO B 141 12.90 17.98 -13.98
CA PRO B 141 12.17 16.75 -13.66
C PRO B 141 13.10 15.56 -13.40
N GLY B 142 12.51 14.36 -13.25
CA GLY B 142 13.16 13.10 -12.84
C GLY B 142 14.32 12.71 -13.76
N ALA B 143 14.13 12.83 -15.07
CA ALA B 143 15.05 12.23 -16.03
C ALA B 143 16.45 12.84 -15.88
N VAL B 144 17.46 11.98 -15.73
CA VAL B 144 18.86 12.42 -15.69
C VAL B 144 19.76 11.30 -16.18
N THR B 145 20.94 11.68 -16.65
CA THR B 145 21.95 10.74 -17.14
C THR B 145 23.22 11.01 -16.34
N VAL B 146 23.75 9.95 -15.72
CA VAL B 146 25.02 10.00 -15.03
C VAL B 146 25.95 9.01 -15.74
N ALA B 147 27.12 9.50 -16.16
CA ALA B 147 28.18 8.66 -16.72
C ALA B 147 29.43 8.78 -15.81
N TRP B 148 30.04 7.63 -15.53
CA TRP B 148 31.27 7.60 -14.73
C TRP B 148 32.47 7.54 -15.68
N LYS B 149 33.58 8.17 -15.28
CA LYS B 149 34.78 8.13 -16.06
C LYS B 149 35.99 8.03 -15.13
N ALA B 150 36.85 7.02 -15.43
CA ALA B 150 38.25 6.96 -14.99
C ALA B 150 39.13 7.54 -16.12
N ASP B 151 38.55 8.55 -16.80
CA ASP B 151 38.85 9.11 -18.15
C ASP B 151 38.33 8.22 -19.28
N SER B 152 38.30 6.91 -19.04
CA SER B 152 37.52 5.96 -19.81
C SER B 152 36.12 5.80 -19.21
N SER B 153 35.14 5.55 -20.09
CA SER B 153 33.74 5.33 -19.74
C SER B 153 33.57 3.93 -19.13
N PRO B 154 33.28 3.78 -17.81
CA PRO B 154 33.08 2.49 -17.17
C PRO B 154 31.57 2.19 -17.25
N VAL B 155 31.24 0.91 -17.45
CA VAL B 155 29.86 0.51 -17.57
C VAL B 155 29.70 -0.77 -16.75
N LYS B 156 28.53 -0.90 -16.12
CA LYS B 156 28.13 -2.12 -15.44
C LYS B 156 28.88 -2.27 -14.10
N ALA B 157 29.50 -1.20 -13.59
CA ALA B 157 30.16 -1.14 -12.27
C ALA B 157 29.44 -0.12 -11.36
N GLY B 158 28.25 0.36 -11.78
CA GLY B 158 27.52 1.46 -11.13
C GLY B 158 26.07 1.08 -10.91
N VAL B 159 25.44 1.65 -9.85
CA VAL B 159 23.99 1.48 -9.57
C VAL B 159 23.43 2.82 -9.04
N GLU B 160 22.19 3.12 -9.43
CA GLU B 160 21.54 4.39 -9.07
C GLU B 160 20.33 4.16 -8.16
N THR B 161 20.01 5.20 -7.38
CA THR B 161 18.82 5.30 -6.55
C THR B 161 18.25 6.71 -6.63
N THR B 162 16.91 6.82 -6.64
CA THR B 162 16.19 8.10 -6.66
C THR B 162 15.20 8.18 -5.50
N THR B 163 15.12 9.35 -4.87
CA THR B 163 14.03 9.64 -3.95
C THR B 163 12.72 9.70 -4.74
N PRO B 164 11.56 9.74 -4.05
CA PRO B 164 10.30 10.16 -4.67
C PRO B 164 10.26 11.69 -4.64
N SER B 165 9.44 12.27 -5.51
CA SER B 165 9.18 13.69 -5.51
C SER B 165 9.01 14.09 -4.04
N LYS B 166 9.73 15.13 -3.60
CA LYS B 166 9.61 15.67 -2.26
C LYS B 166 8.23 16.33 -2.10
N GLN B 167 7.63 16.12 -0.93
CA GLN B 167 6.25 16.53 -0.64
C GLN B 167 6.14 18.07 -0.61
N SER B 168 7.23 18.79 -0.35
CA SER B 168 7.21 20.28 -0.19
C SER B 168 7.71 21.04 -1.45
N ASN B 169 8.89 20.69 -2.00
CA ASN B 169 9.51 21.47 -3.11
C ASN B 169 9.37 20.76 -4.47
N ASN B 170 8.88 19.52 -4.48
CA ASN B 170 8.59 18.79 -5.74
C ASN B 170 9.87 18.41 -6.52
N LYS B 171 11.02 18.36 -5.84
CA LYS B 171 12.30 17.94 -6.41
C LYS B 171 12.54 16.44 -6.24
N TYR B 172 13.46 15.93 -7.05
CA TYR B 172 14.07 14.62 -6.83
C TYR B 172 15.54 14.81 -6.42
N ALA B 173 16.15 13.75 -5.88
CA ALA B 173 17.60 13.68 -5.71
C ALA B 173 18.01 12.24 -6.10
N ALA B 174 19.22 12.10 -6.66
CA ALA B 174 19.70 10.83 -7.22
C ALA B 174 21.15 10.61 -6.77
N SER B 175 21.46 9.35 -6.42
CA SER B 175 22.79 8.91 -6.06
C SER B 175 23.20 7.84 -7.08
N SER B 176 24.47 7.86 -7.48
CA SER B 176 25.08 6.77 -8.29
C SER B 176 26.35 6.34 -7.55
N TYR B 177 26.50 5.05 -7.27
CA TYR B 177 27.71 4.52 -6.63
C TYR B 177 28.48 3.70 -7.68
N LEU B 178 29.74 4.06 -7.90
CA LEU B 178 30.68 3.24 -8.67
C LEU B 178 31.48 2.35 -7.69
N SER B 179 31.48 1.03 -7.93
CA SER B 179 32.15 0.07 -7.03
C SER B 179 33.32 -0.61 -7.75
N LEU B 180 34.51 -0.47 -7.17
CA LEU B 180 35.77 -0.95 -7.73
C LEU B 180 36.55 -1.72 -6.65
N THR B 181 37.47 -2.58 -7.08
CA THR B 181 38.51 -3.12 -6.20
C THR B 181 39.42 -1.97 -5.80
N PRO B 182 40.11 -2.03 -4.64
CA PRO B 182 41.19 -1.09 -4.33
C PRO B 182 42.37 -1.21 -5.30
N GLU B 183 42.70 -2.44 -5.72
CA GLU B 183 43.70 -2.66 -6.79
C GLU B 183 43.40 -1.67 -7.91
N GLN B 184 42.20 -1.81 -8.48
CA GLN B 184 41.68 -0.99 -9.58
C GLN B 184 41.67 0.50 -9.20
N TRP B 185 41.17 0.84 -8.01
CA TRP B 185 41.15 2.23 -7.52
C TRP B 185 42.57 2.83 -7.51
N LYS B 186 43.58 2.03 -7.15
CA LYS B 186 44.95 2.55 -6.88
C LYS B 186 45.75 2.76 -8.19
N SER B 187 45.42 2.01 -9.24
CA SER B 187 46.13 2.13 -10.50
C SER B 187 45.61 3.31 -11.34
N HIS B 188 44.44 3.87 -11.01
CA HIS B 188 43.93 5.00 -11.78
C HIS B 188 43.91 6.26 -10.91
N ARG B 189 43.67 7.41 -11.55
CA ARG B 189 44.00 8.73 -11.03
C ARG B 189 42.76 9.65 -10.98
N SER B 190 42.13 9.87 -12.15
CA SER B 190 41.03 10.83 -12.30
C SER B 190 39.68 10.12 -12.17
N TYR B 191 38.91 10.51 -11.15
CA TYR B 191 37.56 9.97 -10.96
C TYR B 191 36.55 11.09 -11.31
N SER B 192 35.55 10.80 -12.14
CA SER B 192 34.55 11.84 -12.48
C SER B 192 33.19 11.25 -12.87
N CYS B 193 32.11 11.88 -12.39
CA CYS B 193 30.74 11.63 -12.92
C CYS B 193 30.34 12.83 -13.79
N GLN B 194 29.83 12.54 -14.98
CA GLN B 194 29.31 13.55 -15.88
C GLN B 194 27.78 13.48 -15.82
N VAL B 195 27.15 14.61 -15.46
CA VAL B 195 25.70 14.73 -15.29
C VAL B 195 25.10 15.57 -16.43
N THR B 196 24.21 14.92 -17.20
CA THR B 196 23.37 15.54 -18.22
C THR B 196 21.93 15.68 -17.71
N HIS B 197 21.40 16.90 -17.73
CA HIS B 197 20.03 17.21 -17.31
C HIS B 197 19.49 18.41 -18.09
N GLU B 198 18.18 18.39 -18.30
CA GLU B 198 17.47 19.43 -19.07
C GLU B 198 17.75 20.84 -18.51
N GLY B 199 17.89 20.99 -17.18
CA GLY B 199 18.17 22.29 -16.54
C GLY B 199 19.62 22.76 -16.69
N SER B 200 20.49 21.89 -17.24
CA SER B 200 21.93 22.18 -17.47
C SER B 200 22.15 22.36 -18.99
N THR B 201 22.58 23.57 -19.41
CA THR B 201 22.87 23.94 -20.85
C THR B 201 23.78 22.91 -21.54
N VAL B 202 24.79 22.46 -20.77
CA VAL B 202 25.83 21.52 -21.15
C VAL B 202 26.17 20.68 -19.91
N GLU B 203 26.77 19.51 -20.12
CA GLU B 203 26.99 18.53 -19.08
C GLU B 203 27.87 19.13 -17.99
N LYS B 204 27.61 18.77 -16.73
CA LYS B 204 28.48 19.10 -15.63
C LYS B 204 29.29 17.86 -15.27
N THR B 205 30.61 17.96 -15.46
CA THR B 205 31.57 17.01 -14.90
C THR B 205 31.98 17.52 -13.51
N VAL B 206 32.11 16.58 -12.57
CA VAL B 206 32.71 16.84 -11.28
C VAL B 206 33.71 15.69 -11.02
N ALA B 207 34.91 16.03 -10.50
CA ALA B 207 36.08 15.10 -10.41
C ALA B 207 36.88 15.30 -9.10
N PRO B 208 37.54 14.25 -8.55
CA PRO B 208 38.75 14.40 -7.76
C PRO B 208 39.91 13.65 -8.43
N THR B 209 41.12 13.90 -7.91
CA THR B 209 42.28 13.09 -8.22
C THR B 209 42.62 12.34 -6.92
N GLU B 210 42.91 11.03 -7.06
CA GLU B 210 43.02 10.01 -5.98
C GLU B 210 43.80 10.50 -4.76
N CYS B 211 45.02 11.03 -4.96
CA CYS B 211 45.96 11.33 -3.86
C CYS B 211 45.57 12.60 -3.07
N SER B 212 44.83 13.53 -3.72
CA SER B 212 44.62 14.88 -3.20
C SER B 212 43.58 14.87 -2.06
N GLU C 1 -31.71 -13.59 -16.07
CA GLU C 1 -32.00 -12.41 -15.18
C GLU C 1 -32.26 -12.85 -13.73
N LEU C 2 -31.53 -12.22 -12.81
CA LEU C 2 -31.55 -12.38 -11.34
C LEU C 2 -32.99 -12.37 -10.78
N GLN C 3 -33.31 -13.36 -9.95
CA GLN C 3 -34.59 -13.42 -9.20
C GLN C 3 -34.35 -13.37 -7.68
N VAL C 4 -35.23 -12.64 -6.97
CA VAL C 4 -35.31 -12.66 -5.51
C VAL C 4 -36.54 -13.47 -5.09
N ILE C 5 -36.29 -14.56 -4.36
CA ILE C 5 -37.30 -15.54 -3.96
C ILE C 5 -37.61 -15.36 -2.46
N GLN C 6 -38.85 -15.03 -2.12
CA GLN C 6 -39.35 -15.19 -0.75
C GLN C 6 -40.22 -16.44 -0.72
N PRO C 7 -39.72 -17.59 -0.21
CA PRO C 7 -40.43 -18.84 -0.35
C PRO C 7 -41.75 -18.94 0.45
N ASP C 8 -41.94 -18.09 1.45
CA ASP C 8 -43.05 -18.20 2.42
C ASP C 8 -44.00 -17.03 2.22
N LYS C 9 -45.26 -17.34 1.91
CA LYS C 9 -46.27 -16.31 1.65
C LYS C 9 -46.70 -15.68 2.99
N SER C 10 -46.66 -16.49 4.05
CA SER C 10 -47.09 -16.02 5.34
C SER C 10 -46.37 -16.75 6.48
N VAL C 11 -46.25 -16.07 7.61
CA VAL C 11 -45.54 -16.57 8.78
C VAL C 11 -46.35 -16.18 10.03
N LEU C 12 -46.61 -17.17 10.90
CA LEU C 12 -47.37 -16.92 12.12
C LEU C 12 -46.44 -17.18 13.30
N VAL C 13 -46.36 -16.24 14.23
CA VAL C 13 -45.39 -16.38 15.32
C VAL C 13 -46.05 -15.89 16.61
N ALA C 14 -45.67 -16.51 17.73
CA ALA C 14 -46.10 -16.08 19.08
C ALA C 14 -45.28 -14.86 19.52
N ALA C 15 -45.96 -13.90 20.17
CA ALA C 15 -45.30 -12.74 20.80
C ALA C 15 -44.12 -13.19 21.67
N GLY C 16 -42.99 -12.47 21.55
CA GLY C 16 -41.77 -12.73 22.33
C GLY C 16 -40.82 -13.73 21.67
N GLU C 17 -41.28 -14.40 20.61
CA GLU C 17 -40.48 -15.38 19.87
C GLU C 17 -39.70 -14.69 18.74
N THR C 18 -38.84 -15.47 18.08
CA THR C 18 -38.06 -15.08 16.91
C THR C 18 -38.80 -15.43 15.61
N ALA C 19 -38.98 -14.41 14.75
CA ALA C 19 -39.58 -14.58 13.43
C ALA C 19 -38.49 -14.69 12.35
N THR C 20 -38.61 -15.72 11.49
CA THR C 20 -37.67 -15.96 10.41
C THR C 20 -38.34 -15.59 9.06
N LEU C 21 -37.74 -14.57 8.42
CA LEU C 21 -38.15 -14.06 7.15
C LEU C 21 -37.12 -14.49 6.08
N ARG C 22 -37.53 -15.34 5.15
CA ARG C 22 -36.64 -16.01 4.25
C ARG C 22 -36.59 -15.32 2.88
N CYS C 23 -35.40 -15.33 2.29
CA CYS C 23 -35.13 -14.69 1.01
C CYS C 23 -33.83 -15.27 0.43
N THR C 24 -33.86 -15.68 -0.85
CA THR C 24 -32.63 -16.10 -1.53
C THR C 24 -32.52 -15.39 -2.89
N ALA C 25 -31.30 -15.23 -3.40
CA ALA C 25 -31.10 -14.65 -4.76
C ALA C 25 -30.46 -15.69 -5.67
N THR C 26 -30.80 -15.64 -6.97
CA THR C 26 -30.34 -16.65 -7.91
C THR C 26 -28.96 -16.25 -8.46
N SER C 27 -28.50 -15.04 -8.19
CA SER C 27 -27.21 -14.57 -8.68
C SER C 27 -26.80 -13.33 -7.88
N LEU C 28 -25.50 -13.04 -7.85
CA LEU C 28 -24.90 -11.88 -7.14
C LEU C 28 -24.52 -10.73 -8.10
N ILE C 29 -24.67 -11.01 -9.41
CA ILE C 29 -24.53 -10.06 -10.52
C ILE C 29 -25.93 -9.84 -11.11
N PRO C 30 -26.31 -8.59 -11.32
CA PRO C 30 -25.50 -7.41 -11.12
C PRO C 30 -25.26 -7.14 -9.62
N VAL C 31 -24.16 -6.41 -9.32
CA VAL C 31 -23.77 -6.11 -7.95
C VAL C 31 -24.75 -5.10 -7.36
N GLY C 32 -24.90 -5.15 -6.03
CA GLY C 32 -25.64 -4.18 -5.27
C GLY C 32 -26.25 -4.80 -4.02
N PRO C 33 -26.55 -3.98 -2.99
CA PRO C 33 -26.96 -4.48 -1.69
C PRO C 33 -28.38 -5.04 -1.75
N ILE C 34 -28.69 -5.88 -0.76
CA ILE C 34 -30.02 -6.34 -0.44
C ILE C 34 -30.53 -5.58 0.77
N GLN C 35 -31.81 -5.17 0.72
CA GLN C 35 -32.45 -4.60 1.87
C GLN C 35 -33.80 -5.30 2.11
N TRP C 36 -34.22 -5.28 3.38
CA TRP C 36 -35.56 -5.70 3.82
C TRP C 36 -36.36 -4.47 4.20
N PHE C 37 -37.63 -4.42 3.79
CA PHE C 37 -38.58 -3.44 4.24
C PHE C 37 -39.87 -4.10 4.75
N ARG C 38 -40.61 -3.36 5.57
CA ARG C 38 -42.01 -3.55 5.81
C ARG C 38 -42.80 -2.53 4.99
N GLY C 39 -43.69 -3.03 4.13
CA GLY C 39 -44.44 -2.23 3.16
C GLY C 39 -43.72 -2.11 1.83
N ALA C 40 -44.46 -1.75 0.78
CA ALA C 40 -43.90 -1.55 -0.55
C ALA C 40 -44.22 -0.16 -1.10
N GLY C 41 -44.79 0.72 -0.25
CA GLY C 41 -45.17 2.09 -0.60
C GLY C 41 -44.00 3.06 -0.46
N PRO C 42 -44.26 4.39 -0.50
CA PRO C 42 -43.21 5.39 -0.26
C PRO C 42 -42.89 5.53 1.23
N GLY C 43 -43.86 5.20 2.10
CA GLY C 43 -43.71 5.22 3.57
C GLY C 43 -43.13 3.93 4.16
N ARG C 44 -42.69 3.00 3.29
CA ARG C 44 -42.12 1.72 3.71
C ARG C 44 -40.98 1.96 4.70
N GLU C 45 -40.75 0.98 5.57
CA GLU C 45 -39.90 1.14 6.76
C GLU C 45 -38.72 0.18 6.64
N LEU C 46 -37.50 0.72 6.72
CA LEU C 46 -36.28 -0.03 6.53
C LEU C 46 -36.05 -0.97 7.72
N ILE C 47 -35.82 -2.25 7.44
CA ILE C 47 -35.74 -3.28 8.50
C ILE C 47 -34.30 -3.79 8.63
N TYR C 48 -33.63 -3.86 7.48
CA TYR C 48 -32.25 -4.31 7.39
C TYR C 48 -31.65 -3.77 6.10
N ASN C 49 -30.36 -3.43 6.16
CA ASN C 49 -29.61 -2.86 5.05
C ASN C 49 -28.24 -3.52 5.02
N GLN C 50 -27.92 -4.20 3.91
CA GLN C 50 -26.64 -4.89 3.77
C GLN C 50 -25.45 -3.88 3.77
N LYS C 51 -25.64 -2.65 3.23
CA LYS C 51 -24.57 -1.63 3.02
C LYS C 51 -24.00 -1.10 4.36
N GLU C 52 -24.89 -0.71 5.28
CA GLU C 52 -24.61 0.21 6.40
C GLU C 52 -25.81 0.28 7.35
N GLY C 53 -25.53 0.59 8.62
CA GLY C 53 -26.56 0.82 9.62
C GLY C 53 -26.54 -0.23 10.72
N HIS C 54 -27.21 0.11 11.83
CA HIS C 54 -27.26 -0.78 12.99
CA HIS C 54 -27.29 -0.69 13.06
C HIS C 54 -28.73 -1.21 13.19
N PHE C 55 -28.91 -2.53 13.29
CA PHE C 55 -30.24 -3.18 13.35
C PHE C 55 -30.22 -4.26 14.43
N PRO C 56 -30.35 -3.87 15.72
CA PRO C 56 -30.00 -4.77 16.82
C PRO C 56 -30.99 -5.93 17.02
N ARG C 57 -32.25 -5.74 16.59
CA ARG C 57 -33.26 -6.78 16.69
C ARG C 57 -33.04 -7.86 15.62
N VAL C 58 -32.23 -7.55 14.59
CA VAL C 58 -32.10 -8.34 13.38
C VAL C 58 -30.79 -9.13 13.40
N THR C 59 -30.90 -10.45 13.21
CA THR C 59 -29.83 -11.36 12.95
C THR C 59 -30.03 -11.89 11.53
N THR C 60 -28.92 -12.29 10.89
CA THR C 60 -28.99 -12.86 9.56
C THR C 60 -28.92 -14.36 9.75
N VAL C 61 -29.56 -15.12 8.87
CA VAL C 61 -29.59 -16.57 8.99
C VAL C 61 -28.23 -17.10 8.55
N SER C 62 -27.69 -16.53 7.47
CA SER C 62 -26.41 -16.99 6.89
C SER C 62 -25.32 -15.96 7.21
N ASP C 63 -24.09 -16.34 6.86
CA ASP C 63 -22.93 -15.45 6.99
C ASP C 63 -22.89 -14.57 5.74
N LEU C 64 -23.27 -13.30 5.86
CA LEU C 64 -23.28 -12.42 4.67
C LEU C 64 -21.85 -12.02 4.23
N THR C 65 -20.81 -12.37 5.02
CA THR C 65 -19.42 -12.02 4.68
C THR C 65 -18.81 -13.13 3.85
N LYS C 66 -19.55 -14.24 3.71
CA LYS C 66 -19.19 -15.31 2.77
C LYS C 66 -19.33 -14.74 1.35
N ARG C 67 -18.26 -14.79 0.56
CA ARG C 67 -18.22 -14.18 -0.80
C ARG C 67 -19.29 -14.82 -1.70
N ASN C 68 -19.55 -16.07 -1.38
CA ASN C 68 -20.38 -17.04 -2.05
C ASN C 68 -21.87 -16.92 -1.69
N ASN C 69 -22.18 -16.22 -0.60
CA ASN C 69 -23.50 -16.26 0.04
C ASN C 69 -24.58 -15.70 -0.89
N MET C 70 -25.70 -16.41 -0.97
CA MET C 70 -26.83 -15.98 -1.73
C MET C 70 -28.12 -16.08 -0.89
N ASP C 71 -27.96 -16.26 0.43
CA ASP C 71 -29.06 -16.37 1.37
C ASP C 71 -29.15 -15.08 2.16
N PHE C 72 -30.28 -14.37 2.05
CA PHE C 72 -30.44 -13.08 2.69
C PHE C 72 -31.59 -13.10 3.70
N SER C 73 -31.90 -14.29 4.21
CA SER C 73 -32.93 -14.48 5.19
C SER C 73 -32.52 -13.82 6.51
N ILE C 74 -33.50 -13.29 7.24
CA ILE C 74 -33.25 -12.66 8.56
C ILE C 74 -34.20 -13.21 9.62
N ARG C 75 -33.75 -13.08 10.87
CA ARG C 75 -34.50 -13.39 12.07
C ARG C 75 -34.72 -12.08 12.82
N ILE C 76 -35.97 -11.82 13.23
CA ILE C 76 -36.31 -10.65 14.02
C ILE C 76 -36.70 -11.14 15.40
N GLY C 77 -35.94 -10.73 16.42
CA GLY C 77 -36.08 -11.27 17.78
C GLY C 77 -37.18 -10.58 18.59
N ALA C 78 -37.65 -11.32 19.61
CA ALA C 78 -38.66 -10.82 20.59
C ALA C 78 -39.76 -10.04 19.87
N ILE C 79 -40.50 -10.75 19.01
CA ILE C 79 -41.55 -10.15 18.18
C ILE C 79 -42.73 -9.68 19.05
N THR C 80 -43.34 -8.57 18.64
CA THR C 80 -44.53 -8.04 19.27
C THR C 80 -45.57 -7.80 18.19
N PRO C 81 -46.88 -7.72 18.55
CA PRO C 81 -47.92 -7.33 17.60
C PRO C 81 -47.59 -6.07 16.79
N ALA C 82 -46.72 -5.19 17.29
CA ALA C 82 -46.35 -3.98 16.55
C ALA C 82 -45.48 -4.31 15.32
N ASP C 83 -44.92 -5.52 15.28
CA ASP C 83 -44.04 -5.97 14.20
C ASP C 83 -44.83 -6.55 13.01
N ALA C 84 -46.13 -6.79 13.14
CA ALA C 84 -46.87 -7.51 12.09
C ALA C 84 -46.93 -6.68 10.81
N GLY C 85 -47.13 -7.34 9.67
CA GLY C 85 -47.17 -6.64 8.39
C GLY C 85 -46.45 -7.41 7.30
N THR C 86 -46.39 -6.80 6.11
CA THR C 86 -45.81 -7.46 4.96
C THR C 86 -44.36 -7.01 4.78
N TYR C 87 -43.46 -8.01 4.72
CA TYR C 87 -42.03 -7.81 4.62
C TYR C 87 -41.54 -8.24 3.24
N TYR C 88 -40.73 -7.35 2.66
CA TYR C 88 -40.23 -7.47 1.34
C TYR C 88 -38.69 -7.44 1.32
N CYS C 89 -38.11 -8.42 0.65
CA CYS C 89 -36.71 -8.53 0.40
C CYS C 89 -36.41 -7.91 -0.97
N VAL C 90 -35.49 -6.93 -1.02
CA VAL C 90 -35.30 -6.12 -2.23
C VAL C 90 -33.82 -6.06 -2.60
N LYS C 91 -33.53 -6.34 -3.88
CA LYS C 91 -32.22 -6.16 -4.51
C LYS C 91 -32.11 -4.78 -5.17
N PHE C 92 -31.07 -4.02 -4.83
CA PHE C 92 -30.75 -2.78 -5.55
C PHE C 92 -29.55 -3.05 -6.46
N ARG C 93 -29.53 -2.40 -7.62
CA ARG C 93 -28.32 -2.33 -8.43
C ARG C 93 -27.63 -0.98 -8.16
N LYS C 94 -26.35 -0.91 -8.50
CA LYS C 94 -25.59 0.31 -8.35
C LYS C 94 -26.17 1.36 -9.28
N GLY C 95 -26.22 2.58 -8.76
CA GLY C 95 -26.65 3.75 -9.48
C GLY C 95 -25.85 4.93 -9.02
N SER C 96 -25.73 5.94 -9.89
CA SER C 96 -24.76 7.00 -9.67
C SER C 96 -25.13 7.79 -8.43
N PRO C 97 -26.09 8.74 -8.45
CA PRO C 97 -26.38 9.51 -7.24
C PRO C 97 -26.76 8.50 -6.15
N ASP C 98 -27.79 7.67 -6.44
CA ASP C 98 -28.30 6.64 -5.52
C ASP C 98 -28.32 5.28 -6.24
N ASP C 99 -28.28 4.20 -5.46
CA ASP C 99 -28.60 2.83 -5.93
C ASP C 99 -30.11 2.77 -6.26
N VAL C 100 -30.48 1.96 -7.26
CA VAL C 100 -31.86 1.87 -7.68
C VAL C 100 -32.37 0.43 -7.59
N GLU C 101 -33.63 0.32 -7.15
CA GLU C 101 -34.28 -0.92 -6.90
C GLU C 101 -34.39 -1.69 -8.22
N PHE C 102 -34.10 -2.98 -8.17
CA PHE C 102 -33.96 -3.79 -9.35
C PHE C 102 -34.95 -4.95 -9.35
N LYS C 103 -35.03 -5.68 -8.23
CA LYS C 103 -35.83 -6.91 -8.09
C LYS C 103 -36.34 -6.99 -6.64
N SER C 104 -37.53 -7.57 -6.47
CA SER C 104 -38.17 -7.75 -5.16
C SER C 104 -38.77 -9.16 -5.07
N GLY C 105 -38.77 -9.72 -3.86
CA GLY C 105 -39.57 -10.88 -3.58
C GLY C 105 -41.04 -10.50 -3.56
N ALA C 106 -41.89 -11.52 -3.54
CA ALA C 106 -43.37 -11.36 -3.59
C ALA C 106 -43.97 -11.00 -2.22
N GLY C 107 -43.15 -10.94 -1.16
CA GLY C 107 -43.56 -10.47 0.16
C GLY C 107 -43.84 -11.64 1.11
N THR C 108 -43.81 -11.33 2.40
CA THR C 108 -44.07 -12.28 3.47
C THR C 108 -44.89 -11.54 4.54
N GLU C 109 -46.11 -12.04 4.76
CA GLU C 109 -47.09 -11.51 5.67
C GLU C 109 -46.79 -12.09 7.05
N LEU C 110 -46.25 -11.26 7.95
CA LEU C 110 -45.90 -11.72 9.28
C LEU C 110 -47.08 -11.39 10.21
N SER C 111 -47.66 -12.45 10.78
CA SER C 111 -48.79 -12.39 11.74
C SER C 111 -48.23 -12.72 13.13
N VAL C 112 -48.71 -12.02 14.15
CA VAL C 112 -48.29 -12.26 15.51
C VAL C 112 -49.52 -12.55 16.40
N ARG C 113 -49.50 -13.72 17.03
CA ARG C 113 -50.45 -14.14 18.06
C ARG C 113 -50.01 -13.54 19.41
N ALA C 114 -50.93 -12.80 20.05
CA ALA C 114 -50.60 -12.00 21.22
C ALA C 114 -50.26 -12.93 22.41
N LYS C 115 -49.62 -12.34 23.43
CA LYS C 115 -49.43 -12.91 24.77
C LYS C 115 -48.75 -14.27 24.70
#